data_5U81
#
_entry.id   5U81
#
_cell.length_a   160.767
_cell.length_b   53.913
_cell.length_c   48.802
_cell.angle_alpha   90.00
_cell.angle_beta   104.41
_cell.angle_gamma   90.00
#
_symmetry.space_group_name_H-M   'C 1 2 1'
#
loop_
_entity.id
_entity.type
_entity.pdbx_description
1 polymer 'Acid ceramidase isoform b'
2 branched alpha-D-mannopyranose-(1-3)-[alpha-D-mannopyranose-(1-6)]beta-D-mannopyranose-(1-4)-2-acetamido-2-deoxy-beta-D-glucopyranose-(1-4)-[alpha-L-fucopyranose-(1-6)]2-acetamido-2-deoxy-beta-D-glucopyranose
3 branched alpha-D-mannopyranose-(1-3)-alpha-D-mannopyranose-(1-6)-beta-D-mannopyranose-(1-4)-2-acetamido-2-deoxy-beta-D-glucopyranose-(1-4)-2-acetamido-2-deoxy-beta-D-glucopyranose
4 branched 2-acetamido-2-deoxy-beta-D-glucopyranose-(1-4)-2-acetamido-2-deoxy-beta-D-glucopyranose
5 non-polymer GLYCEROL
6 non-polymer 'CHLORIDE ION'
7 non-polymer 'TETRAETHYLENE GLYCOL'
8 non-polymer 'PENTAETHYLENE GLYCOL'
9 water water
#
_entity_poly.entity_id   1
_entity_poly.type   'polypeptide(L)'
_entity_poly.pdbx_seq_one_letter_code
;DRHHHHHHKLQHAPPWTEDCRKSTYPPSGPTYRGPVPWYTINLDLPPYKRWHELMVDKGPMLKIIVNSFKNMVNTFVPSG
KVMQMVDQKLPDLLGQFSGPYEEEMKGIADVTEIPLGEIISFNIFYELFTMATSIITEDKKGHLLHVRNMDFGIFLGWNI
NNNTWVITEELKPLTVNLDFQRNSKTVFKATSFAGYVGMLTGFKPGQFSLTLNERFSMNGGYLGLLEWILGKKDASWIGF
ITRSVLENATSYEEAKNILAKTKLLAPAYFILGGNQSGEGCVITRERKDSLDIYELDPKQGRWYVVQTNYDRWKNPLFLD
DRRTPAQTCLKRTTQESLSFATLYDILSTKPVLNKLTVFTALMDVTKNHYEAYLRDCPDPCVGW
;
_entity_poly.pdbx_strand_id   A
#
# COMPACT_ATOMS: atom_id res chain seq x y z
N TRP A 16 -16.48 -16.47 5.97
CA TRP A 16 -15.97 -17.82 5.77
C TRP A 16 -14.45 -17.85 5.74
N THR A 17 -13.88 -18.73 6.56
CA THR A 17 -12.45 -18.89 6.71
C THR A 17 -12.10 -20.34 6.38
N GLU A 18 -10.81 -20.66 6.30
CA GLU A 18 -10.44 -21.98 5.83
C GLU A 18 -9.08 -22.38 6.35
N ASP A 19 -8.78 -23.66 6.23
CA ASP A 19 -7.47 -24.17 6.59
C ASP A 19 -6.42 -23.65 5.62
N CYS A 20 -5.18 -23.62 6.10
CA CYS A 20 -4.05 -23.12 5.34
C CYS A 20 -4.04 -23.75 3.96
N ARG A 21 -3.97 -22.92 2.93
CA ARG A 21 -3.97 -23.42 1.56
C ARG A 21 -2.60 -23.95 1.14
N LYS A 22 -2.64 -24.79 0.11
CA LYS A 22 -1.45 -25.35 -0.52
C LYS A 22 -1.63 -25.32 -2.03
N SER A 23 -0.49 -25.30 -2.74
CA SER A 23 -0.48 -25.49 -4.20
C SER A 23 -1.23 -24.37 -4.94
N THR A 24 -1.10 -23.15 -4.45
CA THR A 24 -1.71 -21.99 -5.08
C THR A 24 -0.77 -21.21 -5.98
N TYR A 25 0.51 -21.59 -6.06
CA TYR A 25 1.49 -20.86 -6.85
C TYR A 25 2.15 -21.80 -7.85
N PRO A 26 2.37 -21.35 -9.10
CA PRO A 26 2.03 -20.03 -9.64
C PRO A 26 0.52 -19.81 -9.72
N PRO A 27 0.09 -18.56 -9.73
CA PRO A 27 -1.33 -18.25 -9.55
C PRO A 27 -2.20 -18.82 -10.67
N SER A 28 -3.36 -19.30 -10.29
CA SER A 28 -4.35 -19.77 -11.25
C SER A 28 -5.65 -19.94 -10.49
N GLY A 29 -6.72 -20.11 -11.24
CA GLY A 29 -8.00 -20.41 -10.62
C GLY A 29 -8.75 -19.17 -10.18
N PRO A 30 -9.80 -19.39 -9.39
CA PRO A 30 -10.76 -18.30 -9.13
C PRO A 30 -10.26 -17.20 -8.21
N THR A 31 -9.14 -17.38 -7.50
CA THR A 31 -8.57 -16.27 -6.72
C THR A 31 -7.57 -15.46 -7.51
N TYR A 32 -7.32 -15.82 -8.77
CA TYR A 32 -6.36 -15.10 -9.61
C TYR A 32 -7.14 -14.27 -10.61
N ARG A 33 -7.12 -12.95 -10.41
CA ARG A 33 -7.81 -12.07 -11.36
C ARG A 33 -6.98 -11.90 -12.61
N GLY A 34 -5.67 -11.71 -12.46
CA GLY A 34 -4.80 -11.59 -13.61
C GLY A 34 -3.49 -10.94 -13.26
N PRO A 35 -2.61 -10.85 -14.25
CA PRO A 35 -1.29 -10.28 -14.01
C PRO A 35 -1.30 -8.75 -13.97
N VAL A 36 -0.26 -8.22 -13.36
CA VAL A 36 -0.10 -6.78 -13.15
C VAL A 36 0.89 -6.28 -14.18
N PRO A 37 0.55 -5.28 -15.00
CA PRO A 37 1.47 -4.82 -16.02
C PRO A 37 2.59 -3.99 -15.45
N TRP A 38 3.75 -4.03 -16.14
CA TRP A 38 4.91 -3.22 -15.79
C TRP A 38 5.01 -1.97 -16.65
N TYR A 39 5.35 -0.87 -16.00
CA TYR A 39 5.66 0.41 -16.64
C TYR A 39 6.98 0.91 -16.07
N THR A 40 7.80 1.50 -16.93
CA THR A 40 9.02 2.16 -16.50
C THR A 40 8.72 3.64 -16.31
N ILE A 41 9.02 4.15 -15.11
CA ILE A 41 8.86 5.57 -14.80
C ILE A 41 10.26 6.18 -14.84
N ASN A 42 10.43 7.16 -15.71
CA ASN A 42 11.72 7.77 -15.95
C ASN A 42 11.86 9.03 -15.09
N LEU A 43 12.62 8.91 -14.00
CA LEU A 43 12.82 10.05 -13.12
C LEU A 43 13.63 11.17 -13.77
N ASP A 44 14.28 10.90 -14.90
CA ASP A 44 14.96 11.97 -15.63
C ASP A 44 13.98 12.91 -16.33
N LEU A 45 12.73 12.49 -16.52
CA LEU A 45 11.72 13.38 -17.07
C LEU A 45 11.31 14.41 -16.02
N PRO A 46 10.89 15.58 -16.45
CA PRO A 46 10.30 16.53 -15.52
C PRO A 46 9.17 15.86 -14.77
N PRO A 47 9.04 16.12 -13.48
CA PRO A 47 7.92 15.56 -12.73
C PRO A 47 6.58 15.60 -13.45
N TYR A 48 6.25 16.75 -14.05
CA TYR A 48 4.95 16.89 -14.71
C TYR A 48 4.71 15.81 -15.77
N LYS A 49 5.77 15.38 -16.47
CA LYS A 49 5.66 14.42 -17.57
C LYS A 49 5.75 12.96 -17.15
N ARG A 50 6.11 12.64 -15.90
CA ARG A 50 6.50 11.27 -15.58
C ARG A 50 5.37 10.27 -15.77
N TRP A 51 4.13 10.68 -15.55
CA TRP A 51 3.01 9.76 -15.57
C TRP A 51 2.23 9.77 -16.89
N HIS A 52 2.68 10.52 -17.91
CA HIS A 52 1.84 10.71 -19.08
CA HIS A 52 1.87 10.71 -19.12
C HIS A 52 1.65 9.39 -19.84
N GLU A 53 2.71 8.61 -20.03
CA GLU A 53 2.56 7.36 -20.75
C GLU A 53 1.59 6.41 -20.03
N LEU A 54 1.70 6.30 -18.70
CA LEU A 54 0.76 5.47 -17.94
C LEU A 54 -0.68 5.96 -18.11
N MET A 55 -0.89 7.28 -18.12
CA MET A 55 -2.24 7.80 -18.23
C MET A 55 -2.85 7.51 -19.58
N VAL A 56 -2.04 7.37 -20.62
CA VAL A 56 -2.59 7.00 -21.93
C VAL A 56 -3.36 5.69 -21.80
N ASP A 57 -2.78 4.74 -21.06
CA ASP A 57 -3.37 3.42 -20.95
C ASP A 57 -4.42 3.36 -19.85
N LYS A 58 -4.14 3.94 -18.68
CA LYS A 58 -4.98 3.79 -17.50
C LYS A 58 -5.85 5.00 -17.18
N GLY A 59 -5.70 6.09 -17.94
CA GLY A 59 -6.55 7.24 -17.74
C GLY A 59 -8.03 6.97 -17.83
N PRO A 60 -8.50 6.20 -18.82
CA PRO A 60 -9.94 5.93 -18.86
C PRO A 60 -10.44 5.26 -17.60
N MET A 61 -9.66 4.34 -17.03
CA MET A 61 -10.07 3.68 -15.80
C MET A 61 -10.03 4.64 -14.62
N LEU A 62 -9.04 5.55 -14.58
CA LEU A 62 -9.00 6.54 -13.52
C LEU A 62 -10.23 7.46 -13.57
N LYS A 63 -10.68 7.82 -14.79
CA LYS A 63 -11.90 8.60 -14.93
C LYS A 63 -13.09 7.86 -14.35
N ILE A 64 -13.12 6.53 -14.51
CA ILE A 64 -14.23 5.75 -13.97
C ILE A 64 -14.21 5.76 -12.45
N ILE A 65 -13.04 5.55 -11.85
CA ILE A 65 -13.03 5.43 -10.39
C ILE A 65 -13.38 6.77 -9.75
N VAL A 66 -12.95 7.88 -10.34
CA VAL A 66 -13.33 9.18 -9.78
CA VAL A 66 -13.33 9.18 -9.80
C VAL A 66 -14.80 9.45 -10.01
N ASN A 67 -15.35 8.98 -11.13
CA ASN A 67 -16.79 9.06 -11.38
C ASN A 67 -17.58 8.33 -10.31
N SER A 68 -17.14 7.12 -9.93
CA SER A 68 -17.81 6.37 -8.88
C SER A 68 -17.77 7.12 -7.56
N PHE A 69 -16.60 7.64 -7.19
CA PHE A 69 -16.47 8.38 -5.96
C PHE A 69 -17.39 9.60 -5.97
N LYS A 70 -17.31 10.40 -7.02
CA LYS A 70 -18.15 11.60 -7.12
C LYS A 70 -19.63 11.25 -7.00
N ASN A 71 -20.08 10.25 -7.75
CA ASN A 71 -21.51 9.94 -7.80
C ASN A 71 -22.01 9.41 -6.46
N MET A 72 -21.20 8.61 -5.78
CA MET A 72 -21.63 8.07 -4.50
CA MET A 72 -21.62 8.07 -4.50
C MET A 72 -21.60 9.14 -3.41
N VAL A 73 -20.59 10.00 -3.42
CA VAL A 73 -20.59 11.12 -2.47
C VAL A 73 -21.82 11.98 -2.69
N ASN A 74 -22.16 12.26 -3.96
CA ASN A 74 -23.31 13.09 -4.28
C ASN A 74 -24.64 12.38 -4.05
N THR A 75 -24.62 11.08 -3.76
CA THR A 75 -25.80 10.35 -3.35
C THR A 75 -26.03 10.51 -1.85
N PHE A 76 -24.96 10.31 -1.07
CA PHE A 76 -25.08 10.44 0.38
C PHE A 76 -25.17 11.90 0.81
N VAL A 77 -24.64 12.82 0.01
CA VAL A 77 -24.68 14.25 0.28
C VAL A 77 -25.29 14.90 -0.97
N PRO A 78 -26.63 14.82 -1.13
CA PRO A 78 -27.25 15.21 -2.40
C PRO A 78 -27.19 16.69 -2.71
N SER A 79 -26.83 17.54 -1.76
CA SER A 79 -26.62 18.95 -2.08
C SER A 79 -25.51 19.14 -3.12
N GLY A 80 -24.63 18.17 -3.26
CA GLY A 80 -23.49 18.31 -4.14
C GLY A 80 -22.36 19.14 -3.57
N LYS A 81 -22.49 19.64 -2.36
CA LYS A 81 -21.56 20.67 -1.89
C LYS A 81 -20.20 20.09 -1.54
N VAL A 82 -20.12 18.82 -1.18
CA VAL A 82 -18.82 18.24 -0.86
C VAL A 82 -17.98 18.12 -2.12
N MET A 83 -18.55 17.57 -3.19
CA MET A 83 -17.80 17.48 -4.43
C MET A 83 -17.50 18.85 -5.01
N GLN A 84 -18.37 19.84 -4.79
CA GLN A 84 -18.06 21.20 -5.19
C GLN A 84 -16.81 21.69 -4.47
N MET A 85 -16.71 21.41 -3.16
CA MET A 85 -15.53 21.80 -2.40
C MET A 85 -14.30 21.04 -2.86
N VAL A 86 -14.44 19.74 -3.12
CA VAL A 86 -13.30 18.96 -3.63
C VAL A 86 -12.78 19.58 -4.91
N ASP A 87 -13.67 19.88 -5.86
CA ASP A 87 -13.23 20.38 -7.15
C ASP A 87 -12.71 21.80 -7.08
N GLN A 88 -13.34 22.66 -6.28
CA GLN A 88 -13.07 24.08 -6.36
C GLN A 88 -12.12 24.59 -5.29
N LYS A 89 -12.09 23.97 -4.11
CA LYS A 89 -11.37 24.54 -2.98
C LYS A 89 -10.31 23.64 -2.38
N LEU A 90 -10.40 22.33 -2.54
CA LEU A 90 -9.49 21.45 -1.80
C LEU A 90 -8.02 21.76 -2.10
N PRO A 91 -7.61 21.99 -3.35
CA PRO A 91 -6.20 22.34 -3.58
C PRO A 91 -5.75 23.56 -2.78
N ASP A 92 -6.58 24.60 -2.70
CA ASP A 92 -6.19 25.80 -1.96
C ASP A 92 -6.19 25.58 -0.45
N LEU A 93 -7.09 24.74 0.06
CA LEU A 93 -7.09 24.47 1.49
C LEU A 93 -5.78 23.84 1.94
N LEU A 94 -5.24 22.94 1.12
CA LEU A 94 -4.04 22.21 1.52
C LEU A 94 -2.77 22.97 1.21
N GLY A 95 -2.81 23.87 0.23
CA GLY A 95 -1.62 24.55 -0.21
C GLY A 95 -0.80 23.67 -1.12
N GLN A 96 0.23 24.27 -1.70
CA GLN A 96 1.05 23.56 -2.66
C GLN A 96 1.81 22.46 -1.96
N PHE A 97 1.89 21.31 -2.61
CA PHE A 97 2.73 20.23 -2.11
C PHE A 97 4.18 20.48 -2.52
N SER A 98 5.08 19.87 -1.76
CA SER A 98 6.48 19.90 -2.13
C SER A 98 6.69 19.07 -3.38
N GLY A 99 7.73 19.41 -4.14
CA GLY A 99 8.04 18.66 -5.33
C GLY A 99 8.52 17.30 -4.89
N PRO A 100 8.36 16.30 -5.74
CA PRO A 100 7.84 16.35 -7.11
C PRO A 100 6.32 16.24 -7.18
N TYR A 101 5.67 16.12 -6.03
CA TYR A 101 4.30 15.63 -5.97
C TYR A 101 3.31 16.60 -6.61
N GLU A 102 3.47 17.89 -6.39
CA GLU A 102 2.55 18.87 -6.97
C GLU A 102 2.54 18.75 -8.48
N GLU A 103 3.71 18.77 -9.11
CA GLU A 103 3.78 18.74 -10.56
C GLU A 103 3.34 17.38 -11.11
N GLU A 104 3.69 16.29 -10.42
CA GLU A 104 3.24 14.97 -10.89
C GLU A 104 1.72 14.89 -10.91
N MET A 105 1.07 15.37 -9.84
CA MET A 105 -0.39 15.34 -9.74
C MET A 105 -1.03 16.26 -10.77
N LYS A 106 -0.42 17.43 -10.99
CA LYS A 106 -0.95 18.32 -12.02
CA LYS A 106 -0.95 18.33 -12.01
C LYS A 106 -0.86 17.68 -13.38
N GLY A 107 0.22 16.95 -13.66
CA GLY A 107 0.33 16.28 -14.94
C GLY A 107 -0.75 15.24 -15.14
N ILE A 108 -1.05 14.48 -14.08
CA ILE A 108 -2.11 13.49 -14.14
C ILE A 108 -3.45 14.16 -14.39
N ALA A 109 -3.74 15.21 -13.62
CA ALA A 109 -5.01 15.94 -13.76
C ALA A 109 -5.15 16.49 -15.18
N ASP A 110 -4.06 17.05 -15.70
CA ASP A 110 -4.15 17.72 -17.01
C ASP A 110 -4.37 16.73 -18.14
N VAL A 111 -3.71 15.57 -18.11
CA VAL A 111 -3.87 14.63 -19.23
CA VAL A 111 -3.86 14.61 -19.21
C VAL A 111 -5.21 13.90 -19.16
N THR A 112 -5.74 13.66 -17.95
CA THR A 112 -7.01 12.95 -17.79
C THR A 112 -8.22 13.88 -17.76
N GLU A 113 -7.99 15.19 -17.67
CA GLU A 113 -9.06 16.17 -17.52
C GLU A 113 -9.89 15.93 -16.26
N ILE A 114 -9.27 15.37 -15.23
CA ILE A 114 -9.87 15.18 -13.91
C ILE A 114 -9.47 16.38 -13.05
N PRO A 115 -10.40 17.00 -12.33
CA PRO A 115 -10.02 18.13 -11.47
C PRO A 115 -8.91 17.76 -10.50
N LEU A 116 -7.97 18.69 -10.31
CA LEU A 116 -6.84 18.42 -9.43
C LEU A 116 -7.30 18.01 -8.04
N GLY A 117 -8.37 18.63 -7.52
CA GLY A 117 -8.86 18.27 -6.19
C GLY A 117 -9.29 16.81 -6.09
N GLU A 118 -9.73 16.23 -7.20
CA GLU A 118 -10.09 14.81 -7.19
C GLU A 118 -8.85 13.92 -7.22
N ILE A 119 -7.80 14.32 -7.94
CA ILE A 119 -6.53 13.61 -7.89
C ILE A 119 -5.94 13.71 -6.50
N ILE A 120 -5.99 14.90 -5.91
CA ILE A 120 -5.51 15.06 -4.55
C ILE A 120 -6.32 14.18 -3.61
N SER A 121 -7.66 14.17 -3.77
CA SER A 121 -8.50 13.32 -2.94
C SER A 121 -8.15 11.84 -3.10
N PHE A 122 -7.92 11.40 -4.33
CA PHE A 122 -7.45 10.02 -4.59
C PHE A 122 -6.17 9.76 -3.81
N ASN A 123 -5.23 10.71 -3.86
CA ASN A 123 -3.97 10.51 -3.17
C ASN A 123 -4.20 10.49 -1.66
N ILE A 124 -5.22 11.21 -1.16
CA ILE A 124 -5.64 11.14 0.25
C ILE A 124 -6.25 9.79 0.62
N PHE A 125 -6.93 9.09 -0.32
CA PHE A 125 -7.53 7.79 0.02
C PHE A 125 -6.52 6.86 0.69
N TYR A 126 -5.30 6.88 0.20
CA TYR A 126 -4.30 5.90 0.63
C TYR A 126 -3.72 6.22 1.99
N GLU A 127 -3.91 7.43 2.48
CA GLU A 127 -3.61 7.71 3.87
C GLU A 127 -4.64 7.11 4.84
N LEU A 128 -5.77 6.52 4.39
CA LEU A 128 -6.88 6.22 5.29
C LEU A 128 -7.59 4.86 5.15
N PHE A 129 -7.76 4.34 3.92
CA PHE A 129 -8.78 3.31 3.68
C PHE A 129 -8.23 1.95 3.27
N THR A 130 -6.94 1.74 3.42
CA THR A 130 -6.34 0.45 3.11
C THR A 130 -6.38 -0.46 4.33
N MET A 131 -6.26 -1.75 4.05
CA MET A 131 -5.95 -2.77 5.04
C MET A 131 -4.84 -3.61 4.42
N ALA A 132 -4.12 -4.37 5.23
CA ALA A 132 -3.01 -5.12 4.67
C ALA A 132 -2.62 -6.27 5.59
N THR A 133 -1.93 -7.26 5.00
CA THR A 133 -1.13 -8.23 5.75
C THR A 133 0.26 -8.15 5.15
N SER A 134 1.26 -7.85 5.99
CA SER A 134 2.66 -7.80 5.57
C SER A 134 3.47 -8.80 6.38
N ILE A 135 4.34 -9.55 5.70
CA ILE A 135 5.16 -10.58 6.33
C ILE A 135 6.58 -10.45 5.85
N ILE A 136 7.54 -10.50 6.77
CA ILE A 136 8.95 -10.72 6.44
C ILE A 136 9.37 -12.02 7.08
N THR A 137 10.06 -12.85 6.33
CA THR A 137 10.59 -14.11 6.84
C THR A 137 12.09 -14.18 6.57
N GLU A 138 12.78 -14.87 7.47
CA GLU A 138 14.20 -15.16 7.32
C GLU A 138 14.39 -16.67 7.39
N ASP A 139 14.98 -17.25 6.35
CA ASP A 139 15.18 -18.68 6.35
C ASP A 139 16.46 -19.05 7.10
N LYS A 140 16.78 -20.34 7.14
CA LYS A 140 17.92 -20.79 7.92
C LYS A 140 19.25 -20.41 7.31
N LYS A 141 19.28 -19.96 6.06
CA LYS A 141 20.48 -19.44 5.42
C LYS A 141 20.59 -17.92 5.61
N GLY A 142 19.64 -17.31 6.31
CA GLY A 142 19.63 -15.88 6.46
C GLY A 142 18.96 -15.10 5.36
N HIS A 143 18.29 -15.79 4.43
CA HIS A 143 17.69 -15.14 3.27
C HIS A 143 16.31 -14.58 3.63
N LEU A 144 16.09 -13.31 3.26
CA LEU A 144 14.84 -12.59 3.56
C LEU A 144 13.86 -12.58 2.38
N LEU A 145 12.59 -12.80 2.70
CA LEU A 145 11.48 -12.58 1.79
C LEU A 145 10.50 -11.61 2.44
N HIS A 146 9.87 -10.78 1.62
CA HIS A 146 8.92 -9.79 2.10
C HIS A 146 7.71 -9.83 1.19
N VAL A 147 6.55 -10.11 1.74
CA VAL A 147 5.34 -10.31 0.97
C VAL A 147 4.18 -9.53 1.60
N ARG A 148 3.17 -9.25 0.79
CA ARG A 148 2.02 -8.54 1.36
C ARG A 148 0.78 -8.71 0.51
N ASN A 149 -0.37 -8.67 1.19
CA ASN A 149 -1.64 -8.41 0.53
C ASN A 149 -2.01 -6.95 0.76
N MET A 150 -2.46 -6.30 -0.31
CA MET A 150 -2.98 -4.94 -0.28
C MET A 150 -4.50 -5.03 -0.37
N ASP A 151 -5.16 -4.56 0.68
CA ASP A 151 -6.61 -4.56 0.77
C ASP A 151 -7.11 -3.12 0.77
N PHE A 152 -8.31 -2.89 0.27
CA PHE A 152 -8.86 -1.52 0.24
C PHE A 152 -10.35 -1.55 0.50
N GLY A 153 -10.79 -0.69 1.42
CA GLY A 153 -12.19 -0.53 1.70
C GLY A 153 -12.53 0.89 2.09
N ILE A 154 -13.16 1.61 1.17
CA ILE A 154 -13.81 2.88 1.49
C ILE A 154 -15.30 2.68 1.72
N PHE A 155 -15.89 1.61 1.16
CA PHE A 155 -17.25 1.18 1.48
C PHE A 155 -18.30 2.21 1.06
N LEU A 156 -18.11 2.82 -0.11
CA LEU A 156 -19.10 3.74 -0.65
C LEU A 156 -20.19 3.02 -1.43
N GLY A 157 -19.84 1.97 -2.15
CA GLY A 157 -20.78 1.32 -3.03
C GLY A 157 -20.69 -0.19 -2.93
N TRP A 158 -21.81 -0.84 -2.73
CA TRP A 158 -21.87 -2.28 -2.73
C TRP A 158 -22.60 -2.73 -3.99
N ASN A 159 -22.04 -3.74 -4.64
CA ASN A 159 -22.58 -4.29 -5.87
C ASN A 159 -23.21 -5.63 -5.53
N ILE A 160 -24.53 -5.68 -5.42
CA ILE A 160 -25.19 -6.93 -5.03
C ILE A 160 -25.09 -7.99 -6.12
N ASN A 161 -24.78 -7.58 -7.35
CA ASN A 161 -24.81 -8.55 -8.43
C ASN A 161 -23.55 -9.41 -8.48
N ASN A 162 -22.45 -8.97 -7.85
CA ASN A 162 -21.32 -9.87 -7.68
C ASN A 162 -20.67 -9.80 -6.31
N ASN A 163 -21.33 -9.18 -5.35
CA ASN A 163 -20.88 -9.15 -3.95
C ASN A 163 -19.49 -8.55 -3.81
N THR A 164 -19.33 -7.33 -4.33
CA THR A 164 -18.07 -6.61 -4.23
C THR A 164 -18.34 -5.15 -3.90
N TRP A 165 -17.29 -4.48 -3.43
CA TRP A 165 -17.31 -3.04 -3.28
C TRP A 165 -16.81 -2.38 -4.56
N VAL A 166 -17.52 -1.34 -4.96
CA VAL A 166 -17.30 -0.73 -6.26
C VAL A 166 -15.87 -0.21 -6.43
N ILE A 167 -15.41 0.61 -5.48
CA ILE A 167 -14.10 1.24 -5.62
CA ILE A 167 -14.10 1.24 -5.64
C ILE A 167 -12.99 0.22 -5.48
N THR A 168 -13.15 -0.74 -4.57
CA THR A 168 -12.18 -1.80 -4.41
C THR A 168 -11.95 -2.52 -5.73
N GLU A 169 -13.04 -2.91 -6.41
CA GLU A 169 -12.89 -3.60 -7.67
C GLU A 169 -12.25 -2.73 -8.74
N GLU A 170 -12.55 -1.43 -8.73
CA GLU A 170 -12.01 -0.53 -9.74
C GLU A 170 -10.51 -0.31 -9.58
N LEU A 171 -9.96 -0.54 -8.38
CA LEU A 171 -8.52 -0.47 -8.20
C LEU A 171 -7.77 -1.58 -8.93
N LYS A 172 -8.40 -2.73 -9.14
CA LYS A 172 -7.70 -3.83 -9.80
C LYS A 172 -7.18 -3.45 -11.18
N PRO A 173 -8.01 -2.92 -12.09
CA PRO A 173 -7.47 -2.48 -13.39
C PRO A 173 -6.59 -1.23 -13.33
N LEU A 174 -6.50 -0.56 -12.19
CA LEU A 174 -5.58 0.55 -12.04
C LEU A 174 -4.22 0.11 -11.48
N THR A 175 -4.11 -1.13 -11.02
CA THR A 175 -2.89 -1.58 -10.38
C THR A 175 -1.77 -1.78 -11.41
N VAL A 176 -0.59 -1.26 -11.10
CA VAL A 176 0.56 -1.32 -11.98
C VAL A 176 1.81 -1.59 -11.19
N ASN A 177 2.74 -2.32 -11.80
CA ASN A 177 4.10 -2.48 -11.30
C ASN A 177 4.95 -1.43 -11.99
N LEU A 178 5.80 -0.78 -11.21
CA LEU A 178 6.55 0.36 -11.68
C LEU A 178 8.03 0.12 -11.45
N ASP A 179 8.82 0.34 -12.49
CA ASP A 179 10.27 0.30 -12.44
C ASP A 179 10.73 1.75 -12.55
N PHE A 180 11.12 2.35 -11.42
CA PHE A 180 11.57 3.74 -11.41
C PHE A 180 13.05 3.77 -11.75
N GLN A 181 13.40 4.52 -12.79
CA GLN A 181 14.77 4.55 -13.28
C GLN A 181 15.32 5.97 -13.30
N ARG A 182 16.62 6.07 -13.05
CA ARG A 182 17.39 7.29 -13.21
C ARG A 182 18.60 6.88 -14.05
N ASN A 183 18.84 7.61 -15.14
CA ASN A 183 19.90 7.25 -16.08
C ASN A 183 19.79 5.79 -16.52
N SER A 184 18.58 5.34 -16.77
CA SER A 184 18.31 4.01 -17.33
C SER A 184 18.67 2.89 -16.37
N LYS A 185 18.77 3.19 -15.07
CA LYS A 185 19.08 2.20 -14.06
C LYS A 185 18.00 2.22 -12.99
N THR A 186 17.54 1.05 -12.60
CA THR A 186 16.51 0.98 -11.58
C THR A 186 16.99 1.59 -10.27
N VAL A 187 16.17 2.48 -9.74
CA VAL A 187 16.30 2.99 -8.39
C VAL A 187 15.46 2.16 -7.43
N PHE A 188 14.18 2.01 -7.73
CA PHE A 188 13.31 1.15 -6.95
C PHE A 188 12.20 0.61 -7.85
N LYS A 189 11.56 -0.44 -7.37
CA LYS A 189 10.39 -1.00 -8.00
C LYS A 189 9.26 -0.98 -6.99
N ALA A 190 8.03 -0.88 -7.51
CA ALA A 190 6.87 -0.74 -6.64
C ALA A 190 5.62 -1.24 -7.35
N THR A 191 4.59 -1.44 -6.54
CA THR A 191 3.24 -1.71 -7.04
C THR A 191 2.35 -0.59 -6.53
N SER A 192 1.62 0.03 -7.44
CA SER A 192 0.81 1.17 -7.08
C SER A 192 -0.43 1.19 -7.97
N PHE A 193 -1.13 2.32 -7.92
CA PHE A 193 -2.36 2.53 -8.66
C PHE A 193 -2.14 3.75 -9.53
N ALA A 194 -2.53 3.64 -10.79
CA ALA A 194 -2.41 4.77 -11.69
C ALA A 194 -3.22 5.93 -11.12
N GLY A 195 -2.57 7.08 -11.03
CA GLY A 195 -3.17 8.25 -10.42
C GLY A 195 -2.60 8.58 -9.07
N TYR A 196 -2.00 7.59 -8.41
CA TYR A 196 -1.40 7.78 -7.10
C TYR A 196 0.09 8.01 -7.30
N VAL A 197 0.63 9.02 -6.62
CA VAL A 197 2.04 9.36 -6.76
C VAL A 197 2.86 9.01 -5.53
N GLY A 198 2.22 8.56 -4.45
CA GLY A 198 2.93 8.03 -3.32
C GLY A 198 3.26 6.57 -3.57
N MET A 199 3.80 5.94 -2.56
CA MET A 199 4.10 4.52 -2.64
C MET A 199 3.62 3.83 -1.38
N LEU A 200 3.12 2.63 -1.53
CA LEU A 200 2.75 1.83 -0.38
C LEU A 200 3.45 0.49 -0.32
N THR A 201 4.13 0.08 -1.39
CA THR A 201 4.71 -1.25 -1.53
C THR A 201 5.87 -1.13 -2.49
N GLY A 202 7.08 -1.53 -2.08
CA GLY A 202 8.15 -1.53 -3.05
C GLY A 202 9.46 -1.99 -2.46
N PHE A 203 10.49 -2.00 -3.32
CA PHE A 203 11.82 -2.37 -2.85
C PHE A 203 12.89 -1.66 -3.65
N LYS A 204 14.07 -1.56 -3.04
CA LYS A 204 15.27 -1.07 -3.70
C LYS A 204 16.19 -2.27 -3.87
N PRO A 205 16.40 -2.75 -5.09
CA PRO A 205 17.09 -4.03 -5.29
C PRO A 205 18.42 -4.08 -4.57
N GLY A 206 18.66 -5.16 -3.87
CA GLY A 206 19.89 -5.34 -3.16
C GLY A 206 20.02 -4.54 -1.88
N GLN A 207 19.02 -3.73 -1.52
CA GLN A 207 19.16 -2.85 -0.37
CA GLN A 207 19.16 -2.85 -0.37
C GLN A 207 18.06 -3.06 0.68
N PHE A 208 16.80 -2.79 0.36
CA PHE A 208 15.74 -2.92 1.36
C PHE A 208 14.39 -2.99 0.66
N SER A 209 13.39 -3.38 1.43
CA SER A 209 12.01 -3.53 0.98
C SER A 209 11.11 -2.88 2.02
N LEU A 210 9.98 -2.37 1.55
CA LEU A 210 9.13 -1.56 2.40
C LEU A 210 7.66 -1.73 2.02
N THR A 211 6.84 -1.97 3.04
CA THR A 211 5.40 -1.92 2.89
C THR A 211 4.81 -1.07 4.00
N LEU A 212 3.70 -0.41 3.67
CA LEU A 212 2.97 0.46 4.59
C LEU A 212 1.60 -0.14 4.86
N ASN A 213 1.27 -0.32 6.14
CA ASN A 213 -0.05 -0.76 6.60
C ASN A 213 -0.70 0.39 7.38
N GLU A 214 -2.00 0.58 7.17
CA GLU A 214 -2.71 1.63 7.90
C GLU A 214 -2.83 1.29 9.39
N ARG A 215 -2.75 2.33 10.23
CA ARG A 215 -2.90 2.19 11.68
C ARG A 215 -3.98 3.16 12.15
N PHE A 216 -4.81 2.72 13.07
CA PHE A 216 -5.90 3.54 13.57
C PHE A 216 -5.56 4.09 14.94
N SER A 217 -5.94 5.33 15.18
CA SER A 217 -5.82 5.83 16.54
C SER A 217 -6.65 7.10 16.67
N MET A 218 -6.91 7.45 17.92
CA MET A 218 -7.67 8.67 18.18
CA MET A 218 -7.67 8.67 18.20
C MET A 218 -6.87 9.92 17.86
N ASN A 219 -5.55 9.85 17.85
CA ASN A 219 -4.71 10.93 17.33
C ASN A 219 -4.30 10.50 15.92
N GLY A 220 -5.25 10.63 15.00
CA GLY A 220 -5.20 9.95 13.74
C GLY A 220 -5.08 10.90 12.56
N GLY A 221 -5.37 10.35 11.37
CA GLY A 221 -5.21 11.10 10.15
C GLY A 221 -6.22 12.21 9.96
N TYR A 222 -7.43 12.04 10.50
CA TYR A 222 -8.41 13.12 10.39
C TYR A 222 -7.90 14.36 11.12
N LEU A 223 -7.31 14.18 12.30
CA LEU A 223 -6.70 15.30 13.01
C LEU A 223 -5.47 15.83 12.28
N GLY A 224 -4.65 14.94 11.73
CA GLY A 224 -3.49 15.38 10.98
C GLY A 224 -3.86 16.31 9.84
N LEU A 225 -4.93 15.98 9.12
CA LEU A 225 -5.39 16.86 8.04
C LEU A 225 -5.87 18.20 8.58
N LEU A 226 -6.56 18.18 9.73
CA LEU A 226 -7.06 19.43 10.30
C LEU A 226 -5.91 20.35 10.68
N GLU A 227 -4.87 19.78 11.29
CA GLU A 227 -3.70 20.57 11.66
C GLU A 227 -3.03 21.16 10.43
N TRP A 228 -2.96 20.37 9.36
CA TRP A 228 -2.38 20.85 8.11
C TRP A 228 -3.17 22.03 7.55
N ILE A 229 -4.50 21.89 7.49
CA ILE A 229 -5.35 22.97 6.99
C ILE A 229 -5.20 24.21 7.85
N LEU A 230 -5.05 24.02 9.16
CA LEU A 230 -4.94 25.16 10.06
C LEU A 230 -3.53 25.72 10.16
N GLY A 231 -2.58 25.23 9.36
CA GLY A 231 -1.31 25.92 9.18
C GLY A 231 -0.10 25.23 9.76
N LYS A 232 -0.26 24.05 10.34
CA LYS A 232 0.86 23.31 10.93
C LYS A 232 1.24 22.24 9.91
N LYS A 233 2.27 22.52 9.11
CA LYS A 233 2.61 21.65 7.98
C LYS A 233 3.98 20.98 8.13
N ASP A 234 4.41 20.72 9.36
CA ASP A 234 5.67 20.07 9.66
CA ASP A 234 5.70 20.10 9.57
C ASP A 234 5.69 18.60 9.25
N ALA A 235 4.55 18.00 8.97
CA ALA A 235 4.44 16.54 8.88
C ALA A 235 4.57 16.07 7.43
N SER A 236 4.85 14.78 7.29
CA SER A 236 4.94 14.12 6.00
C SER A 236 3.73 13.23 5.79
N TRP A 237 3.19 13.25 4.57
CA TRP A 237 2.16 12.28 4.21
C TRP A 237 2.76 10.89 4.13
N ILE A 238 2.01 9.89 4.59
CA ILE A 238 2.61 8.57 4.78
C ILE A 238 3.00 7.94 3.43
N GLY A 239 2.20 8.12 2.38
CA GLY A 239 2.59 7.61 1.08
C GLY A 239 3.72 8.39 0.44
N PHE A 240 3.91 9.64 0.83
CA PHE A 240 4.98 10.44 0.28
C PHE A 240 6.31 10.19 0.98
N ILE A 241 6.32 9.99 2.31
CA ILE A 241 7.58 9.61 2.95
C ILE A 241 8.03 8.24 2.45
N THR A 242 7.08 7.33 2.25
CA THR A 242 7.43 6.00 1.75
CA THR A 242 7.45 6.01 1.75
C THR A 242 8.10 6.13 0.37
N ARG A 243 7.51 6.94 -0.52
CA ARG A 243 8.12 7.16 -1.82
C ARG A 243 9.49 7.79 -1.69
N SER A 244 9.64 8.80 -0.83
CA SER A 244 10.93 9.47 -0.71
CA SER A 244 10.94 9.48 -0.72
C SER A 244 12.01 8.53 -0.18
N VAL A 245 11.63 7.63 0.74
CA VAL A 245 12.58 6.64 1.24
C VAL A 245 12.99 5.68 0.12
N LEU A 246 12.02 5.12 -0.58
CA LEU A 246 12.32 4.22 -1.70
C LEU A 246 13.18 4.91 -2.76
N GLU A 247 12.89 6.17 -3.04
CA GLU A 247 13.57 6.86 -4.12
C GLU A 247 14.97 7.29 -3.72
N ASN A 248 15.16 7.73 -2.48
CA ASN A 248 16.37 8.42 -2.07
C ASN A 248 17.18 7.84 -0.90
N ALA A 249 16.62 6.96 -0.08
CA ALA A 249 17.43 6.28 0.94
C ALA A 249 18.22 5.14 0.31
N THR A 250 19.38 4.82 0.88
CA THR A 250 20.27 3.83 0.27
C THR A 250 20.61 2.65 1.16
N SER A 251 20.02 2.53 2.34
CA SER A 251 20.29 1.37 3.18
C SER A 251 19.14 1.13 4.12
N TYR A 252 19.04 -0.13 4.57
CA TYR A 252 18.08 -0.52 5.61
C TYR A 252 18.16 0.40 6.82
N GLU A 253 19.36 0.60 7.37
CA GLU A 253 19.46 1.38 8.61
C GLU A 253 19.07 2.84 8.37
N GLU A 254 19.42 3.40 7.21
CA GLU A 254 19.01 4.77 6.91
C GLU A 254 17.49 4.86 6.81
N ALA A 255 16.88 3.93 6.08
CA ALA A 255 15.43 3.91 5.96
C ALA A 255 14.77 3.77 7.33
N LYS A 256 15.29 2.86 8.16
CA LYS A 256 14.72 2.64 9.48
C LYS A 256 14.73 3.93 10.29
N ASN A 257 15.84 4.66 10.26
CA ASN A 257 15.95 5.87 11.04
C ASN A 257 14.93 6.92 10.56
N ILE A 258 14.80 7.09 9.25
CA ILE A 258 13.86 8.06 8.70
C ILE A 258 12.44 7.67 9.06
N LEU A 259 12.10 6.39 8.91
CA LEU A 259 10.73 5.96 9.10
C LEU A 259 10.35 5.96 10.57
N ALA A 260 11.33 5.79 11.45
CA ALA A 260 11.05 5.77 12.88
C ALA A 260 10.86 7.17 13.45
N LYS A 261 11.46 8.19 12.84
CA LYS A 261 11.53 9.51 13.45
C LYS A 261 10.74 10.61 12.75
N THR A 262 10.43 10.47 11.47
CA THR A 262 9.78 11.55 10.74
C THR A 262 8.35 11.76 11.23
N LYS A 263 7.98 13.02 11.44
CA LYS A 263 6.62 13.35 11.83
C LYS A 263 5.66 13.06 10.68
N LEU A 264 4.53 12.42 10.99
CA LEU A 264 3.60 11.95 9.98
C LEU A 264 2.24 12.61 10.11
N LEU A 265 1.52 12.68 8.98
CA LEU A 265 0.15 13.17 8.96
C LEU A 265 -0.80 12.21 9.66
N ALA A 266 -0.47 10.92 9.67
CA ALA A 266 -1.36 9.89 10.18
C ALA A 266 -0.51 8.80 10.80
N PRO A 267 -1.06 8.03 11.74
CA PRO A 267 -0.34 6.86 12.25
C PRO A 267 -0.16 5.83 11.15
N ALA A 268 0.75 4.90 11.36
CA ALA A 268 1.06 3.91 10.34
C ALA A 268 1.83 2.75 10.95
N TYR A 269 1.89 1.64 10.23
CA TYR A 269 2.92 0.63 10.43
C TYR A 269 3.80 0.62 9.19
N PHE A 270 5.10 0.69 9.41
CA PHE A 270 6.06 0.48 8.34
C PHE A 270 6.73 -0.87 8.56
N ILE A 271 6.67 -1.72 7.54
CA ILE A 271 7.29 -3.05 7.59
C ILE A 271 8.47 -2.97 6.65
N LEU A 272 9.67 -3.10 7.21
CA LEU A 272 10.92 -2.81 6.53
C LEU A 272 11.83 -4.02 6.58
N GLY A 273 12.25 -4.49 5.42
CA GLY A 273 13.22 -5.57 5.30
C GLY A 273 14.50 -5.07 4.68
N GLY A 274 15.61 -5.73 5.02
CA GLY A 274 16.91 -5.36 4.47
C GLY A 274 17.45 -6.36 3.48
N ASN A 275 18.75 -6.56 3.54
CA ASN A 275 19.45 -7.37 2.55
C ASN A 275 20.38 -8.40 3.20
N GLN A 276 20.18 -8.69 4.48
CA GLN A 276 20.97 -9.69 5.18
C GLN A 276 20.27 -10.10 6.45
N SER A 277 20.76 -11.20 7.03
CA SER A 277 20.16 -11.80 8.21
C SER A 277 19.89 -10.75 9.27
N GLY A 278 18.71 -10.81 9.88
CA GLY A 278 18.37 -9.94 10.98
C GLY A 278 17.70 -8.63 10.58
N GLU A 279 17.73 -8.26 9.31
CA GLU A 279 17.23 -6.95 8.89
C GLU A 279 15.77 -7.06 8.51
N GLY A 280 14.92 -6.98 9.53
CA GLY A 280 13.49 -6.94 9.31
C GLY A 280 12.82 -6.38 10.51
N CYS A 281 11.90 -5.43 10.34
CA CYS A 281 11.24 -4.86 11.50
C CYS A 281 9.86 -4.34 11.14
N VAL A 282 9.06 -4.20 12.17
CA VAL A 282 7.79 -3.50 12.11
C VAL A 282 7.93 -2.27 12.98
N ILE A 283 7.79 -1.10 12.37
CA ILE A 283 7.82 0.17 13.06
C ILE A 283 6.37 0.60 13.27
N THR A 284 5.91 0.60 14.52
CA THR A 284 4.55 1.03 14.83
C THR A 284 4.60 2.51 15.17
N ARG A 285 3.92 3.32 14.36
CA ARG A 285 4.04 4.77 14.44
C ARG A 285 2.79 5.42 15.01
N GLU A 286 3.00 6.31 15.96
CA GLU A 286 2.10 7.44 16.15
C GLU A 286 2.56 8.55 15.21
N ARG A 287 1.75 9.60 15.10
CA ARG A 287 2.14 10.71 14.24
C ARG A 287 3.50 11.30 14.66
N LYS A 288 3.74 11.44 15.97
CA LYS A 288 4.94 12.14 16.42
C LYS A 288 6.17 11.26 16.60
N ASP A 289 6.03 9.95 16.75
CA ASP A 289 7.20 9.12 17.02
C ASP A 289 6.82 7.65 16.91
N SER A 290 7.79 6.79 17.21
CA SER A 290 7.59 5.36 17.18
C SER A 290 7.15 4.86 18.55
N LEU A 291 6.01 4.16 18.55
CA LEU A 291 5.54 3.47 19.75
CA LEU A 291 5.55 3.48 19.75
C LEU A 291 6.31 2.18 19.98
N ASP A 292 6.78 1.55 18.91
CA ASP A 292 7.43 0.26 19.04
C ASP A 292 8.20 -0.03 17.76
N ILE A 293 9.38 -0.63 17.92
CA ILE A 293 10.10 -1.21 16.79
C ILE A 293 10.38 -2.66 17.15
N TYR A 294 9.82 -3.57 16.37
CA TYR A 294 9.88 -5.01 16.61
C TYR A 294 10.71 -5.63 15.50
N GLU A 295 11.89 -6.14 15.84
CA GLU A 295 12.86 -6.56 14.83
C GLU A 295 13.07 -8.08 14.88
N LEU A 296 13.37 -8.66 13.72
CA LEU A 296 13.81 -10.05 13.68
C LEU A 296 14.91 -10.28 14.68
N ASP A 297 14.94 -11.50 15.23
CA ASP A 297 16.00 -11.91 16.14
C ASP A 297 16.26 -13.40 15.89
N PRO A 298 16.87 -13.74 14.75
CA PRO A 298 16.97 -15.16 14.39
C PRO A 298 17.77 -15.97 15.38
N LYS A 299 18.74 -15.37 16.07
CA LYS A 299 19.51 -16.12 17.04
C LYS A 299 18.65 -16.58 18.22
N GLN A 300 17.51 -15.94 18.45
CA GLN A 300 16.60 -16.31 19.51
C GLN A 300 15.32 -16.93 18.99
N GLY A 301 15.32 -17.37 17.73
CA GLY A 301 14.17 -18.07 17.19
C GLY A 301 13.11 -17.18 16.58
N ARG A 302 13.31 -15.86 16.52
CA ARG A 302 12.32 -14.96 15.92
C ARG A 302 12.71 -14.76 14.46
N TRP A 303 12.13 -15.58 13.59
CA TRP A 303 12.48 -15.62 12.17
C TRP A 303 11.44 -15.00 11.26
N TYR A 304 10.35 -14.47 11.80
CA TYR A 304 9.40 -13.74 10.98
C TYR A 304 8.84 -12.58 11.79
N VAL A 305 8.27 -11.62 11.06
CA VAL A 305 7.35 -10.65 11.61
C VAL A 305 6.12 -10.61 10.71
N VAL A 306 4.95 -10.48 11.34
CA VAL A 306 3.66 -10.42 10.68
C VAL A 306 2.96 -9.19 11.21
N GLN A 307 2.43 -8.36 10.32
CA GLN A 307 1.70 -7.18 10.75
C GLN A 307 0.47 -7.04 9.87
N THR A 308 -0.68 -6.86 10.52
CA THR A 308 -1.92 -6.50 9.84
C THR A 308 -2.25 -5.08 10.23
N ASN A 309 -3.44 -4.80 10.78
CA ASN A 309 -3.81 -3.42 11.05
C ASN A 309 -4.10 -3.12 12.50
N TYR A 310 -3.57 -3.92 13.42
CA TYR A 310 -3.72 -3.67 14.84
CA TYR A 310 -3.72 -3.68 14.85
C TYR A 310 -2.38 -3.86 15.53
N ASP A 311 -2.26 -3.26 16.71
CA ASP A 311 -0.99 -3.28 17.43
C ASP A 311 -0.69 -4.69 17.93
N ARG A 312 0.56 -5.12 17.73
CA ARG A 312 0.98 -6.49 18.03
C ARG A 312 0.67 -6.91 19.47
N TRP A 313 0.74 -5.98 20.42
CA TRP A 313 0.53 -6.29 21.82
C TRP A 313 -0.92 -6.23 22.25
N LYS A 314 -1.81 -5.83 21.34
CA LYS A 314 -3.24 -5.73 21.63
C LYS A 314 -3.96 -6.88 20.93
N ASN A 315 -5.19 -7.10 21.34
CA ASN A 315 -6.00 -8.12 20.70
C ASN A 315 -6.55 -7.60 19.37
N PRO A 316 -6.82 -8.49 18.42
CA PRO A 316 -7.36 -8.03 17.14
C PRO A 316 -8.72 -7.41 17.37
N LEU A 317 -9.17 -6.64 16.38
CA LEU A 317 -10.60 -6.39 16.31
C LEU A 317 -11.29 -7.73 16.12
N PHE A 318 -12.16 -8.09 17.09
CA PHE A 318 -12.71 -9.44 17.15
C PHE A 318 -13.15 -9.96 15.79
N LEU A 319 -13.79 -9.11 14.98
CA LEU A 319 -14.32 -9.54 13.68
C LEU A 319 -13.33 -9.35 12.53
N ASP A 320 -12.07 -8.97 12.79
CA ASP A 320 -11.08 -8.80 11.73
C ASP A 320 -9.71 -9.24 12.23
N ASP A 321 -9.52 -10.54 12.44
CA ASP A 321 -8.22 -11.05 12.84
C ASP A 321 -7.62 -11.84 11.68
N ARG A 322 -6.78 -11.17 10.91
CA ARG A 322 -5.97 -11.81 9.88
C ARG A 322 -4.58 -12.17 10.38
N ARG A 323 -4.18 -11.63 11.52
CA ARG A 323 -2.84 -11.88 12.02
C ARG A 323 -2.71 -13.31 12.51
N THR A 324 -3.66 -13.77 13.30
CA THR A 324 -3.58 -15.13 13.84
C THR A 324 -3.55 -16.17 12.73
N PRO A 325 -4.45 -16.16 11.74
CA PRO A 325 -4.32 -17.15 10.66
C PRO A 325 -3.02 -17.05 9.89
N ALA A 326 -2.53 -15.84 9.61
CA ALA A 326 -1.25 -15.70 8.93
C ALA A 326 -0.13 -16.33 9.74
N GLN A 327 -0.09 -16.06 11.06
CA GLN A 327 0.95 -16.63 11.92
C GLN A 327 0.84 -18.15 11.97
N THR A 328 -0.38 -18.67 12.10
CA THR A 328 -0.56 -20.12 12.15
C THR A 328 -0.04 -20.77 10.87
N CYS A 329 -0.38 -20.18 9.72
CA CYS A 329 0.05 -20.80 8.48
C CYS A 329 1.56 -20.70 8.32
N LEU A 330 2.16 -19.61 8.83
CA LEU A 330 3.61 -19.47 8.77
CA LEU A 330 3.61 -19.47 8.76
C LEU A 330 4.30 -20.51 9.65
N LYS A 331 3.82 -20.66 10.88
CA LYS A 331 4.40 -21.64 11.79
C LYS A 331 4.25 -23.05 11.24
N ARG A 332 3.13 -23.33 10.58
CA ARG A 332 2.93 -24.64 9.96
C ARG A 332 3.90 -24.85 8.80
N THR A 333 4.16 -23.80 8.02
CA THR A 333 5.06 -23.91 6.88
C THR A 333 6.49 -24.20 7.35
N THR A 334 6.90 -23.51 8.42
CA THR A 334 8.23 -23.58 9.03
C THR A 334 9.29 -22.83 8.25
N GLN A 335 10.38 -22.55 8.95
CA GLN A 335 11.50 -21.85 8.38
C GLN A 335 12.17 -22.65 7.28
N GLU A 336 11.93 -23.96 7.22
CA GLU A 336 12.59 -24.81 6.24
C GLU A 336 11.91 -24.82 4.87
N SER A 337 10.73 -24.22 4.74
CA SER A 337 9.99 -24.27 3.48
CA SER A 337 9.99 -24.26 3.48
C SER A 337 9.51 -22.87 3.10
N LEU A 338 10.42 -21.91 3.07
CA LEU A 338 10.07 -20.54 2.75
C LEU A 338 10.44 -20.19 1.31
N SER A 339 9.43 -19.81 0.53
CA SER A 339 9.65 -19.39 -0.85
C SER A 339 8.46 -18.53 -1.25
N PHE A 340 8.55 -17.91 -2.44
CA PHE A 340 7.40 -17.23 -3.00
C PHE A 340 6.17 -18.13 -3.02
N ALA A 341 6.36 -19.42 -3.31
CA ALA A 341 5.20 -20.32 -3.45
C ALA A 341 4.50 -20.53 -2.11
N THR A 342 5.28 -20.81 -1.06
CA THR A 342 4.62 -21.10 0.21
C THR A 342 4.08 -19.83 0.85
N LEU A 343 4.72 -18.68 0.60
CA LEU A 343 4.16 -17.43 1.11
C LEU A 343 2.90 -17.02 0.35
N TYR A 344 2.85 -17.26 -0.96
CA TYR A 344 1.64 -17.01 -1.72
C TYR A 344 0.48 -17.88 -1.20
N ASP A 345 0.78 -19.12 -0.79
CA ASP A 345 -0.24 -19.98 -0.18
C ASP A 345 -0.86 -19.30 1.03
N ILE A 346 -0.03 -18.73 1.91
CA ILE A 346 -0.53 -18.07 3.10
C ILE A 346 -1.43 -16.90 2.72
N LEU A 347 -0.95 -16.06 1.80
CA LEU A 347 -1.68 -14.88 1.34
C LEU A 347 -2.88 -15.24 0.50
N SER A 348 -3.09 -16.52 0.20
CA SER A 348 -4.28 -17.00 -0.51
C SER A 348 -5.30 -17.64 0.42
N THR A 349 -5.02 -17.69 1.73
CA THR A 349 -5.87 -18.37 2.71
C THR A 349 -6.82 -17.35 3.34
N LYS A 350 -8.12 -17.61 3.26
CA LYS A 350 -9.10 -16.72 3.86
C LYS A 350 -8.95 -16.83 5.37
N PRO A 351 -8.99 -15.69 6.09
CA PRO A 351 -9.37 -14.34 5.68
C PRO A 351 -8.20 -13.42 5.33
N VAL A 352 -6.98 -13.94 5.30
CA VAL A 352 -5.84 -13.14 4.85
C VAL A 352 -6.09 -12.68 3.42
N LEU A 353 -6.56 -13.58 2.57
CA LEU A 353 -7.26 -13.23 1.33
C LEU A 353 -8.72 -12.96 1.67
N ASN A 354 -9.24 -11.83 1.21
CA ASN A 354 -10.62 -11.47 1.51
C ASN A 354 -11.18 -10.62 0.38
N LYS A 355 -12.45 -10.22 0.51
CA LYS A 355 -13.10 -9.48 -0.57
C LYS A 355 -12.45 -8.14 -0.84
N LEU A 356 -11.71 -7.59 0.11
CA LEU A 356 -11.05 -6.31 -0.09
C LEU A 356 -9.67 -6.43 -0.71
N THR A 357 -9.16 -7.65 -0.91
CA THR A 357 -7.80 -7.81 -1.43
C THR A 357 -7.75 -7.45 -2.91
N VAL A 358 -6.96 -6.43 -3.21
CA VAL A 358 -6.73 -5.98 -4.56
C VAL A 358 -5.59 -6.75 -5.22
N PHE A 359 -4.46 -6.83 -4.54
CA PHE A 359 -3.29 -7.50 -5.08
C PHE A 359 -2.46 -8.14 -3.98
N THR A 360 -1.65 -9.11 -4.41
CA THR A 360 -0.62 -9.76 -3.61
C THR A 360 0.73 -9.47 -4.25
N ALA A 361 1.69 -9.01 -3.44
CA ALA A 361 3.02 -8.71 -3.93
C ALA A 361 4.04 -9.55 -3.17
N LEU A 362 5.09 -9.96 -3.89
CA LEU A 362 6.14 -10.84 -3.40
C LEU A 362 7.47 -10.23 -3.77
N MET A 363 8.38 -10.10 -2.79
CA MET A 363 9.65 -9.41 -2.98
C MET A 363 10.80 -10.23 -2.41
N ASP A 364 11.89 -10.25 -3.18
CA ASP A 364 13.15 -10.87 -2.78
C ASP A 364 14.26 -9.86 -3.11
N VAL A 365 14.71 -9.15 -2.08
CA VAL A 365 15.65 -8.03 -2.25
C VAL A 365 16.97 -8.48 -2.83
N THR A 366 17.54 -9.57 -2.29
CA THR A 366 18.91 -9.90 -2.72
C THR A 366 18.94 -10.63 -4.04
N LYS A 367 17.85 -11.29 -4.44
CA LYS A 367 17.78 -11.95 -5.74
C LYS A 367 17.13 -11.06 -6.80
N ASN A 368 16.65 -9.87 -6.41
CA ASN A 368 16.02 -8.93 -7.32
C ASN A 368 14.85 -9.58 -8.05
N HIS A 369 13.96 -10.18 -7.27
CA HIS A 369 12.72 -10.75 -7.79
C HIS A 369 11.55 -9.99 -7.21
N TYR A 370 10.63 -9.59 -8.07
CA TYR A 370 9.49 -8.77 -7.69
C TYR A 370 8.30 -9.22 -8.53
N GLU A 371 7.23 -9.64 -7.86
CA GLU A 371 6.01 -10.08 -8.53
C GLU A 371 4.78 -9.50 -7.84
N ALA A 372 3.74 -9.23 -8.61
CA ALA A 372 2.46 -8.88 -8.02
C ALA A 372 1.34 -9.44 -8.90
N TYR A 373 0.23 -9.81 -8.25
CA TYR A 373 -0.90 -10.48 -8.90
C TYR A 373 -2.20 -9.89 -8.39
N LEU A 374 -3.12 -9.62 -9.30
CA LEU A 374 -4.46 -9.19 -8.94
C LEU A 374 -5.25 -10.37 -8.40
N ARG A 375 -6.07 -10.12 -7.40
CA ARG A 375 -6.79 -11.18 -6.67
C ARG A 375 -8.30 -11.02 -6.80
N ASP A 376 -8.97 -12.15 -6.59
CA ASP A 376 -10.39 -12.25 -6.33
C ASP A 376 -10.57 -13.20 -5.16
N CYS A 377 -11.73 -13.12 -4.51
CA CYS A 377 -12.04 -13.99 -3.39
C CYS A 377 -13.49 -14.43 -3.62
N PRO A 378 -13.69 -15.58 -4.27
CA PRO A 378 -15.05 -16.01 -4.60
C PRO A 378 -15.88 -16.31 -3.36
N ASP A 379 -17.19 -16.12 -3.50
CA ASP A 379 -18.11 -16.43 -2.41
C ASP A 379 -17.96 -17.92 -2.08
N PRO A 380 -18.09 -18.28 -0.79
CA PRO A 380 -18.34 -17.41 0.35
C PRO A 380 -17.01 -16.84 0.83
N CYS A 381 -16.96 -15.53 1.02
CA CYS A 381 -15.74 -14.89 1.45
C CYS A 381 -16.07 -13.71 2.36
N VAL A 382 -15.25 -13.54 3.40
CA VAL A 382 -15.41 -12.43 4.33
C VAL A 382 -15.19 -11.11 3.59
N GLY A 383 -16.13 -10.17 3.79
CA GLY A 383 -16.02 -8.83 3.26
C GLY A 383 -15.11 -7.91 4.05
N TRP A 384 -14.53 -8.39 5.15
CA TRP A 384 -13.76 -7.55 6.06
C TRP A 384 -12.48 -8.28 6.47
#